data_4C3P
#
_entry.id   4C3P
#
_cell.length_a   49.927
_cell.length_b   86.717
_cell.length_c   153.546
_cell.angle_alpha   90.00
_cell.angle_beta   90.00
_cell.angle_gamma   90.00
#
_symmetry.space_group_name_H-M   'P 21 21 21'
#
loop_
_entity.id
_entity.type
_entity.pdbx_description
1 polymer 'AURORA KINASE A'
2 polymer 'TARGETING PROTEIN FOR XKLP2'
3 non-polymer 'PHOSPHOMETHYLPHOSPHONIC ACID ADENYLATE ESTER'
4 non-polymer 'SULFATE ION'
5 water water
#
loop_
_entity_poly.entity_id
_entity_poly.type
_entity_poly.pdbx_seq_one_letter_code
_entity_poly.pdbx_strand_id
1 'polypeptide(L)'
;ESKKRQWALEDFEIGRPLGKGKFGNVYLAREKQSKFILALKVLFKAQLEKAGVEHQLRREVEIQSHLRHPNILRLYGYFH
DATRVYLILEYAPLGTVYRELQKLSKFDEQRTATYITELANALSYCHSKRVIHRDIKPENLLLGSAGELKIADFGWSVHA
PSSRRTTLCGTLDYLPPEMIEGRMHDEKVDLWSLGVLCYEFLVGKPPFEANTYQETYKRISRVEFTFPDFVTEGARDLIS
RLLKHNPSQRPMLREVLEHPWITANSSKPSNCQNKESASKQS
;
A,D
2 'polypeptide(L)' MSQVKSSYSYDAPSDFINFSSLDDEGDTQNIDSWFEEKANLEN B,E
#
# COMPACT_ATOMS: atom_id res chain seq x y z
N LYS A 4 32.92 11.05 -10.62
CA LYS A 4 32.29 9.86 -11.27
C LYS A 4 30.87 10.20 -11.75
N ARG A 5 30.15 9.20 -12.23
CA ARG A 5 28.72 9.28 -12.24
C ARG A 5 28.31 8.34 -11.10
N GLN A 6 28.46 7.03 -11.29
CA GLN A 6 27.77 6.07 -10.44
C GLN A 6 28.63 5.57 -9.25
N TRP A 7 27.96 5.22 -8.16
CA TRP A 7 28.67 4.67 -7.04
C TRP A 7 29.19 3.31 -7.41
N ALA A 8 30.39 3.00 -6.92
CA ALA A 8 30.86 1.61 -6.91
C ALA A 8 31.45 1.28 -5.55
N LEU A 9 31.40 -0.01 -5.18
CA LEU A 9 31.91 -0.50 -3.87
C LEU A 9 33.32 -0.01 -3.59
N GLU A 10 34.09 0.17 -4.65
CA GLU A 10 35.47 0.63 -4.57
C GLU A 10 35.66 2.10 -4.23
N ASP A 11 34.60 2.79 -3.83
CA ASP A 11 34.75 4.20 -3.45
C ASP A 11 34.90 4.25 -1.95
N PHE A 12 34.72 3.10 -1.30
CA PHE A 12 34.58 3.04 0.12
C PHE A 12 35.63 2.14 0.75
N GLU A 13 36.37 2.71 1.70
CA GLU A 13 36.99 1.92 2.74
C GLU A 13 35.85 1.48 3.62
N ILE A 14 36.04 0.37 4.31
CA ILE A 14 35.00 -0.33 5.01
C ILE A 14 35.58 -0.72 6.37
N GLY A 15 34.88 -0.44 7.46
CA GLY A 15 35.39 -0.68 8.80
C GLY A 15 34.61 -1.75 9.53
N ARG A 16 34.32 -1.54 10.81
CA ARG A 16 33.71 -2.59 11.62
C ARG A 16 32.24 -2.82 11.28
N PRO A 17 31.73 -4.04 11.51
CA PRO A 17 30.29 -4.21 11.43
C PRO A 17 29.57 -3.46 12.53
N LEU A 18 28.57 -2.66 12.15
CA LEU A 18 27.73 -1.93 13.10
C LEU A 18 26.58 -2.76 13.56
N GLY A 19 26.37 -3.90 12.93
CA GLY A 19 25.36 -4.83 13.42
C GLY A 19 24.82 -5.71 12.35
N LYS A 20 23.89 -6.58 12.75
CA LYS A 20 23.31 -7.55 11.84
C LYS A 20 21.83 -7.26 11.65
N GLY A 21 21.39 -7.35 10.39
CA GLY A 21 19.98 -7.31 10.04
C GLY A 21 19.51 -8.69 9.56
N LYS A 22 18.22 -8.76 9.25
CA LYS A 22 17.66 -9.95 8.62
C LYS A 22 18.50 -10.38 7.41
N PHE A 23 18.68 -9.47 6.45
CA PHE A 23 19.17 -9.82 5.11
C PHE A 23 20.62 -9.49 4.79
N GLY A 24 21.39 -9.18 5.81
CA GLY A 24 22.79 -8.82 5.65
C GLY A 24 23.22 -7.92 6.79
N ASN A 25 24.38 -7.31 6.67
CA ASN A 25 24.97 -6.59 7.79
C ASN A 25 25.23 -5.14 7.45
N VAL A 26 25.19 -4.29 8.46
CA VAL A 26 25.58 -2.90 8.26
C VAL A 26 27.02 -2.67 8.68
N TYR A 27 27.77 -1.98 7.83
CA TYR A 27 29.17 -1.67 8.11
C TYR A 27 29.39 -0.19 8.32
N LEU A 28 30.40 0.14 9.09
CA LEU A 28 30.92 1.49 9.06
C LEU A 28 31.66 1.65 7.74
N ALA A 29 31.88 2.88 7.32
CA ALA A 29 32.50 3.08 6.03
C ALA A 29 32.87 4.53 5.78
N ARG A 30 33.76 4.70 4.83
CA ARG A 30 34.28 6.02 4.51
C ARG A 30 34.39 6.14 2.99
N GLU A 31 33.98 7.28 2.44
CA GLU A 31 34.10 7.47 1.01
C GLU A 31 35.55 7.87 0.83
N LYS A 32 36.27 7.26 -0.11
CA LYS A 32 37.70 7.52 -0.29
C LYS A 32 37.98 9.02 -0.57
N GLN A 33 37.42 9.57 -1.62
CA GLN A 33 37.80 10.90 -2.10
C GLN A 33 37.52 12.08 -1.15
N SER A 34 36.57 11.92 -0.22
CA SER A 34 36.32 12.94 0.78
C SER A 34 36.51 12.45 2.24
N LYS A 35 36.85 11.18 2.41
CA LYS A 35 37.06 10.58 3.74
C LYS A 35 35.88 10.77 4.74
N PHE A 36 34.66 10.88 4.19
CA PHE A 36 33.45 11.13 4.97
C PHE A 36 32.87 9.82 5.47
N ILE A 37 32.41 9.85 6.72
CA ILE A 37 32.02 8.62 7.42
C ILE A 37 30.54 8.35 7.26
N LEU A 38 30.21 7.12 6.89
CA LEU A 38 28.86 6.76 6.65
C LEU A 38 28.71 5.32 7.01
N ALA A 39 27.49 4.81 6.83
CA ALA A 39 27.21 3.42 7.02
C ALA A 39 26.70 2.89 5.69
N LEU A 40 27.13 1.67 5.40
CA LEU A 40 26.92 1.01 4.15
C LEU A 40 26.21 -0.26 4.55
N LYS A 41 24.93 -0.33 4.22
CA LYS A 41 24.07 -1.45 4.55
C LYS A 41 24.10 -2.42 3.41
N VAL A 42 24.15 -3.70 3.69
CA VAL A 42 24.39 -4.68 2.64
C VAL A 42 23.29 -5.68 2.68
N LEU A 43 22.65 -5.88 1.54
CA LEU A 43 21.51 -6.74 1.49
C LEU A 43 21.79 -7.78 0.41
N PHE A 44 21.65 -9.05 0.81
CA PHE A 44 21.89 -10.20 -0.08
C PHE A 44 20.72 -10.49 -1.02
N LYS A 45 20.94 -10.33 -2.31
CA LYS A 45 19.85 -10.54 -3.28
C LYS A 45 19.23 -11.92 -3.13
N ALA A 46 20.05 -12.95 -3.00
CA ALA A 46 19.53 -14.32 -2.78
C ALA A 46 18.48 -14.39 -1.65
N GLN A 47 18.86 -13.92 -0.45
CA GLN A 47 17.92 -13.96 0.66
C GLN A 47 16.71 -13.08 0.39
N LEU A 48 16.87 -12.00 -0.36
CA LEU A 48 15.76 -11.08 -0.56
C LEU A 48 14.68 -11.70 -1.45
N GLU A 49 15.16 -12.30 -2.55
CA GLU A 49 14.29 -12.91 -3.57
C GLU A 49 13.66 -14.19 -3.02
N LYS A 50 14.38 -14.87 -2.11
CA LYS A 50 13.81 -16.01 -1.41
C LYS A 50 12.76 -15.60 -0.38
N ALA A 51 12.72 -14.33 0.02
CA ALA A 51 11.74 -13.91 1.03
C ALA A 51 10.64 -13.02 0.46
N GLY A 52 10.68 -12.78 -0.85
CA GLY A 52 9.67 -11.97 -1.53
C GLY A 52 9.53 -10.54 -1.05
N VAL A 53 10.64 -9.87 -0.75
CA VAL A 53 10.63 -8.47 -0.29
C VAL A 53 11.39 -7.48 -1.18
N GLU A 54 11.57 -7.80 -2.45
CA GLU A 54 12.25 -6.88 -3.33
C GLU A 54 11.45 -5.59 -3.41
N HIS A 55 10.15 -5.69 -3.64
CA HIS A 55 9.33 -4.50 -3.81
C HIS A 55 9.19 -3.70 -2.53
N GLN A 56 9.16 -4.38 -1.39
CA GLN A 56 9.16 -3.72 -0.09
C GLN A 56 10.43 -2.90 0.07
N LEU A 57 11.55 -3.50 -0.30
CA LEU A 57 12.84 -2.81 -0.25
C LEU A 57 12.79 -1.57 -1.12
N ARG A 58 12.30 -1.75 -2.34
CA ARG A 58 12.23 -0.69 -3.32
C ARG A 58 11.47 0.50 -2.76
N ARG A 59 10.30 0.22 -2.21
CA ARG A 59 9.47 1.21 -1.55
C ARG A 59 10.33 1.89 -0.46
N GLU A 60 10.93 1.09 0.43
CA GLU A 60 11.73 1.66 1.55
C GLU A 60 12.81 2.62 1.07
N VAL A 61 13.63 2.21 0.10
CA VAL A 61 14.70 3.06 -0.41
C VAL A 61 14.16 4.31 -1.10
N GLU A 62 13.14 4.16 -1.96
CA GLU A 62 12.56 5.32 -2.65
C GLU A 62 12.01 6.34 -1.67
N ILE A 63 11.17 5.89 -0.76
CA ILE A 63 10.59 6.83 0.20
C ILE A 63 11.64 7.58 1.04
N GLN A 64 12.62 6.86 1.54
CA GLN A 64 13.51 7.40 2.52
C GLN A 64 14.53 8.33 1.84
N SER A 65 14.89 7.98 0.61
CA SER A 65 15.89 8.76 -0.10
C SER A 65 15.40 10.18 -0.38
N HIS A 66 14.10 10.43 -0.32
CA HIS A 66 13.57 11.74 -0.69
C HIS A 66 13.25 12.58 0.51
N LEU A 67 13.52 12.06 1.70
CA LEU A 67 13.29 12.81 2.93
C LEU A 67 14.58 13.45 3.43
N ARG A 68 14.57 14.76 3.62
CA ARG A 68 15.69 15.49 4.24
C ARG A 68 15.17 16.17 5.47
N HIS A 69 15.58 15.68 6.64
CA HIS A 69 15.16 16.22 7.93
C HIS A 69 16.20 15.87 8.98
N PRO A 70 16.49 16.78 9.91
CA PRO A 70 17.51 16.42 10.91
C PRO A 70 17.15 15.18 11.74
N ASN A 71 15.87 14.86 11.88
CA ASN A 71 15.45 13.73 12.71
C ASN A 71 15.07 12.54 11.88
N ILE A 72 15.40 12.59 10.60
CA ILE A 72 15.27 11.46 9.72
C ILE A 72 16.60 11.00 9.18
N LEU A 73 16.89 9.71 9.24
CA LEU A 73 18.16 9.16 8.74
C LEU A 73 18.31 9.33 7.23
N ARG A 74 19.39 9.98 6.80
CA ARG A 74 19.62 10.20 5.37
C ARG A 74 19.97 8.88 4.75
N LEU A 75 19.29 8.57 3.65
CA LEU A 75 19.72 7.57 2.69
C LEU A 75 20.26 8.35 1.53
N TYR A 76 21.57 8.33 1.35
CA TYR A 76 22.25 9.13 0.31
C TYR A 76 22.17 8.54 -1.10
N GLY A 77 22.01 7.22 -1.16
CA GLY A 77 22.14 6.48 -2.40
C GLY A 77 22.13 4.96 -2.28
N TYR A 78 21.93 4.27 -3.40
CA TYR A 78 22.04 2.84 -3.45
C TYR A 78 22.85 2.44 -4.66
N PHE A 79 23.26 1.19 -4.67
CA PHE A 79 23.83 0.61 -5.87
C PHE A 79 23.82 -0.86 -5.59
N HIS A 80 24.19 -1.65 -6.58
CA HIS A 80 24.21 -3.09 -6.35
C HIS A 80 25.13 -3.75 -7.33
N ASP A 81 25.55 -4.95 -6.98
CA ASP A 81 26.45 -5.75 -7.80
C ASP A 81 25.71 -7.07 -8.02
N ALA A 82 26.39 -8.12 -8.46
CA ALA A 82 25.71 -9.35 -8.83
C ALA A 82 25.00 -10.03 -7.66
N THR A 83 25.61 -9.97 -6.48
CA THR A 83 25.11 -10.70 -5.31
C THR A 83 24.38 -9.82 -4.28
N ARG A 84 24.72 -8.54 -4.25
CA ARG A 84 24.39 -7.71 -3.11
C ARG A 84 23.78 -6.37 -3.53
N VAL A 85 22.88 -5.86 -2.70
CA VAL A 85 22.40 -4.47 -2.79
C VAL A 85 22.98 -3.63 -1.64
N TYR A 86 23.53 -2.46 -1.96
CA TYR A 86 24.19 -1.60 -0.98
C TYR A 86 23.45 -0.29 -0.74
N LEU A 87 23.16 0.01 0.51
CA LEU A 87 22.59 1.30 0.89
C LEU A 87 23.57 2.23 1.60
N ILE A 88 23.65 3.47 1.16
CA ILE A 88 24.58 4.44 1.70
C ILE A 88 23.82 5.34 2.64
N LEU A 89 24.01 5.14 3.93
CA LEU A 89 23.25 5.84 4.92
C LEU A 89 24.15 6.74 5.76
N GLU A 90 23.56 7.83 6.27
CA GLU A 90 24.15 8.59 7.36
C GLU A 90 24.47 7.67 8.51
N TYR A 91 25.58 7.93 9.21
CA TYR A 91 26.02 7.13 10.35
C TYR A 91 25.47 7.73 11.60
N ALA A 92 24.83 6.91 12.44
CA ALA A 92 24.34 7.33 13.77
C ALA A 92 25.22 6.79 14.88
N PRO A 93 26.05 7.64 15.50
CA PRO A 93 27.07 7.15 16.43
C PRO A 93 26.60 6.57 17.74
N LEU A 94 25.47 6.98 18.26
CA LEU A 94 25.16 6.70 19.67
C LEU A 94 24.15 5.58 19.87
N GLY A 95 23.96 4.76 18.84
CA GLY A 95 23.14 3.54 18.99
C GLY A 95 21.64 3.75 18.89
N THR A 96 20.89 2.67 19.08
CA THR A 96 19.45 2.76 18.99
C THR A 96 18.89 3.31 20.27
N VAL A 97 17.64 3.72 20.22
CA VAL A 97 16.98 4.19 21.43
C VAL A 97 16.66 2.97 22.27
N TYR A 98 16.40 1.84 21.62
CA TYR A 98 16.16 0.57 22.29
C TYR A 98 17.28 0.21 23.24
N ARG A 99 18.53 0.19 22.80
CA ARG A 99 19.61 -0.20 23.69
C ARG A 99 19.69 0.78 24.82
N GLU A 100 19.46 2.07 24.55
CA GLU A 100 19.58 3.11 25.57
C GLU A 100 18.51 2.90 26.62
N LEU A 101 17.29 2.69 26.13
CA LEU A 101 16.14 2.44 26.97
C LEU A 101 16.41 1.30 27.93
N GLN A 102 17.07 0.25 27.46
CA GLN A 102 17.29 -0.89 28.33
C GLN A 102 18.57 -0.86 29.15
N LYS A 103 19.31 0.24 29.13
CA LYS A 103 20.40 0.46 30.08
C LYS A 103 19.84 1.33 31.18
N LEU A 104 19.11 2.37 30.80
CA LEU A 104 18.50 3.27 31.78
C LEU A 104 17.17 2.80 32.33
N SER A 105 16.64 1.70 31.81
CA SER A 105 15.33 1.15 32.22
C SER A 105 14.14 1.99 31.73
N LYS A 106 14.15 3.26 32.09
CA LYS A 106 13.17 4.22 31.63
C LYS A 106 13.85 5.58 31.60
N PHE A 107 13.19 6.56 30.99
CA PHE A 107 13.76 7.87 30.89
C PHE A 107 12.98 8.78 31.80
N ASP A 108 13.69 9.79 32.30
CA ASP A 108 13.06 10.96 32.92
C ASP A 108 12.19 11.64 31.89
N GLU A 109 11.44 12.65 32.30
CA GLU A 109 10.51 13.33 31.43
C GLU A 109 11.21 14.29 30.49
N GLN A 110 12.48 14.59 30.74
CA GLN A 110 13.17 15.62 29.96
C GLN A 110 13.49 14.98 28.64
N ARG A 111 14.11 13.80 28.74
CA ARG A 111 14.49 13.03 27.59
C ARG A 111 13.24 12.69 26.76
N THR A 112 12.22 12.16 27.44
CA THR A 112 10.98 11.73 26.79
C THR A 112 10.38 12.83 25.95
N ALA A 113 10.15 13.97 26.56
CA ALA A 113 9.54 15.08 25.89
C ALA A 113 10.39 15.52 24.72
N THR A 114 11.72 15.40 24.90
CA THR A 114 12.65 15.87 23.90
C THR A 114 12.49 14.96 22.68
N TYR A 115 12.70 13.67 22.89
CA TYR A 115 12.42 12.68 21.86
C TYR A 115 11.03 12.77 21.24
N ILE A 116 9.99 13.05 22.02
CA ILE A 116 8.63 13.09 21.46
C ILE A 116 8.54 14.28 20.53
N THR A 117 9.18 15.38 20.93
CA THR A 117 9.17 16.57 20.10
C THR A 117 9.91 16.31 18.80
N GLU A 118 11.08 15.67 18.95
CA GLU A 118 11.89 15.29 17.80
C GLU A 118 11.12 14.37 16.87
N LEU A 119 10.35 13.44 17.44
CA LEU A 119 9.55 12.54 16.65
C LEU A 119 8.43 13.22 15.94
N ALA A 120 7.77 14.14 16.63
CA ALA A 120 6.59 14.79 16.09
C ALA A 120 6.96 15.73 14.98
N ASN A 121 8.12 16.35 15.10
CA ASN A 121 8.65 17.13 14.01
C ASN A 121 8.89 16.27 12.81
N ALA A 122 9.54 15.13 13.03
CA ALA A 122 9.86 14.23 11.92
C ALA A 122 8.61 13.75 11.18
N LEU A 123 7.54 13.44 11.91
CA LEU A 123 6.32 12.94 11.30
C LEU A 123 5.50 14.05 10.66
N SER A 124 5.56 15.24 11.24
CA SER A 124 4.91 16.39 10.63
C SER A 124 5.51 16.65 9.25
N TYR A 125 6.82 16.48 9.15
CA TYR A 125 7.52 16.65 7.87
C TYR A 125 7.11 15.54 6.91
N CYS A 126 7.31 14.29 7.28
CA CYS A 126 6.77 13.16 6.51
C CYS A 126 5.34 13.36 6.02
N HIS A 127 4.48 13.79 6.91
CA HIS A 127 3.11 14.07 6.52
C HIS A 127 3.07 15.23 5.55
N SER A 128 3.84 16.28 5.84
CA SER A 128 3.94 17.44 4.92
C SER A 128 4.18 16.96 3.48
N LYS A 129 5.08 16.00 3.30
CA LYS A 129 5.41 15.45 1.98
C LYS A 129 4.66 14.15 1.68
N ARG A 130 3.44 14.04 2.21
CA ARG A 130 2.51 12.97 1.86
C ARG A 130 3.00 11.52 2.13
N VAL A 131 3.72 11.33 3.22
CA VAL A 131 4.26 10.01 3.58
C VAL A 131 3.74 9.59 4.94
N ILE A 132 3.16 8.40 5.03
CA ILE A 132 2.75 7.88 6.33
C ILE A 132 3.76 6.84 6.75
N HIS A 133 4.45 7.11 7.87
CA HIS A 133 5.36 6.15 8.48
C HIS A 133 4.43 5.23 9.21
N ARG A 134 4.75 3.97 9.39
CA ARG A 134 3.77 3.14 10.09
C ARG A 134 4.21 2.44 11.39
N ASP A 135 5.09 1.47 11.31
CA ASP A 135 5.56 0.80 12.51
C ASP A 135 6.80 1.50 13.08
N ILE A 136 6.63 2.28 14.14
CA ILE A 136 7.81 2.84 14.82
C ILE A 136 7.97 2.18 16.18
N LYS A 137 9.09 1.50 16.36
CA LYS A 137 9.47 1.01 17.66
C LYS A 137 10.91 1.43 17.96
N PRO A 138 11.27 1.51 19.24
CA PRO A 138 12.59 1.94 19.70
C PRO A 138 13.78 1.45 18.88
N GLU A 139 13.72 0.19 18.45
CA GLU A 139 14.76 -0.40 17.59
C GLU A 139 15.03 0.35 16.29
N ASN A 140 14.04 1.06 15.77
CA ASN A 140 14.13 1.81 14.53
C ASN A 140 14.49 3.28 14.73
N LEU A 141 14.78 3.65 15.97
CA LEU A 141 15.12 4.98 16.33
C LEU A 141 16.62 4.98 16.68
N LEU A 142 17.43 5.68 15.90
CA LEU A 142 18.85 5.79 16.18
C LEU A 142 19.14 7.14 16.78
N LEU A 143 20.38 7.34 17.22
CA LEU A 143 20.79 8.57 17.87
C LEU A 143 22.01 9.23 17.18
N GLY A 144 21.84 10.45 16.69
CA GLY A 144 22.91 11.21 16.09
C GLY A 144 23.89 11.67 17.15
N SER A 145 24.86 12.50 16.75
CA SER A 145 26.03 12.81 17.59
C SER A 145 25.70 13.62 18.84
N ALA A 146 24.79 14.58 18.70
CA ALA A 146 24.36 15.42 19.81
C ALA A 146 23.24 14.80 20.65
N GLY A 147 22.94 13.50 20.46
CA GLY A 147 21.88 12.82 21.22
C GLY A 147 20.50 12.77 20.55
N GLU A 148 20.36 13.39 19.38
CA GLU A 148 19.06 13.55 18.72
C GLU A 148 18.57 12.30 17.94
N LEU A 149 17.24 12.09 17.96
CA LEU A 149 16.58 10.97 17.31
C LEU A 149 16.70 11.05 15.84
N LYS A 150 16.88 9.88 15.23
CA LYS A 150 16.75 9.69 13.82
C LYS A 150 15.87 8.50 13.54
N ILE A 151 14.73 8.76 12.93
CA ILE A 151 13.89 7.72 12.45
C ILE A 151 14.59 6.98 11.32
N ALA A 152 14.67 5.65 11.35
CA ALA A 152 15.30 4.97 10.24
C ALA A 152 14.74 3.61 9.79
N ASP A 153 13.42 3.45 9.65
CA ASP A 153 12.97 2.21 9.04
C ASP A 153 12.22 2.42 7.74
N PHE A 154 11.00 2.92 7.81
CA PHE A 154 10.19 3.04 6.59
C PHE A 154 9.87 1.72 5.92
N GLY A 155 9.91 0.62 6.66
CA GLY A 155 9.65 -0.71 6.10
C GLY A 155 8.18 -0.92 5.76
N TRP A 156 7.33 -0.20 6.47
CA TRP A 156 5.89 -0.21 6.23
C TRP A 156 5.37 1.17 5.85
N SER A 157 6.26 2.00 5.34
CA SER A 157 5.95 3.35 4.95
C SER A 157 5.27 3.41 3.57
N VAL A 158 4.28 4.30 3.48
CA VAL A 158 3.51 4.41 2.27
C VAL A 158 3.41 5.87 1.90
N HIS A 159 3.50 6.12 0.59
CA HIS A 159 3.02 7.39 0.02
C HIS A 159 1.51 7.39 0.10
N ALA A 160 0.95 8.44 0.70
CA ALA A 160 -0.49 8.68 0.63
C ALA A 160 -0.86 8.97 -0.83
N PRO A 161 -1.88 8.25 -1.36
CA PRO A 161 -2.48 8.75 -2.61
C PRO A 161 -2.98 10.19 -2.41
N SER A 162 -2.57 11.07 -3.32
CA SER A 162 -2.97 12.47 -3.23
C SER A 162 -4.25 12.71 -4.05
N SER A 163 -4.91 13.83 -3.77
CA SER A 163 -6.31 14.07 -4.17
C SER A 163 -7.23 13.13 -3.39
N ARG A 164 -6.94 12.96 -2.09
CA ARG A 164 -7.58 11.91 -1.29
C ARG A 164 -9.07 12.14 -0.99
N ARG A 165 -9.56 13.36 -1.20
CA ARG A 165 -11.00 13.62 -1.15
C ARG A 165 -11.66 13.21 -2.46
N THR A 166 -11.03 13.61 -3.58
CA THR A 166 -11.57 13.35 -4.94
C THR A 166 -11.43 11.89 -5.38
N THR A 167 -10.26 11.30 -5.11
CA THR A 167 -9.94 9.93 -5.55
C THR A 167 -10.74 8.86 -4.81
N LEU A 168 -11.15 9.16 -3.57
CA LEU A 168 -12.00 8.26 -2.80
C LEU A 168 -13.44 8.45 -3.27
N CYS A 169 -13.95 9.67 -3.07
CA CYS A 169 -15.27 10.11 -3.55
C CYS A 169 -15.44 9.76 -5.04
N GLY A 170 -16.48 8.98 -5.37
CA GLY A 170 -16.68 8.53 -6.76
C GLY A 170 -16.59 7.02 -6.97
N THR A 171 -15.70 6.36 -6.23
CA THR A 171 -15.72 4.88 -6.13
C THR A 171 -16.37 4.44 -4.79
N LEU A 172 -16.78 5.44 -3.99
CA LEU A 172 -17.38 5.26 -2.66
C LEU A 172 -18.48 4.17 -2.50
N ASP A 173 -19.37 4.07 -3.49
CA ASP A 173 -20.46 3.11 -3.42
C ASP A 173 -19.86 1.70 -3.26
N TYR A 174 -18.68 1.49 -3.85
CA TYR A 174 -18.13 0.15 -3.97
C TYR A 174 -17.16 -0.34 -2.90
N LEU A 175 -16.63 0.56 -2.08
CA LEU A 175 -15.66 0.11 -1.09
C LEU A 175 -16.25 -0.04 0.30
N PRO A 176 -15.70 -0.99 1.06
CA PRO A 176 -16.27 -1.37 2.34
C PRO A 176 -15.88 -0.40 3.43
N PRO A 177 -16.60 -0.45 4.57
CA PRO A 177 -16.27 0.46 5.66
C PRO A 177 -14.75 0.50 5.96
N GLU A 178 -14.15 -0.65 6.25
CA GLU A 178 -12.67 -0.78 6.45
C GLU A 178 -11.84 0.12 5.54
N MET A 179 -12.21 0.16 4.27
CA MET A 179 -11.41 0.82 3.26
C MET A 179 -11.65 2.31 3.26
N ILE A 180 -12.83 2.71 3.69
CA ILE A 180 -13.15 4.10 3.70
C ILE A 180 -12.44 4.75 4.87
N GLU A 181 -12.48 4.08 6.02
CA GLU A 181 -11.82 4.58 7.24
C GLU A 181 -10.32 4.51 7.10
N GLY A 182 -9.83 3.41 6.54
CA GLY A 182 -8.43 3.27 6.20
C GLY A 182 -7.87 4.55 5.59
N ARG A 183 -8.50 5.00 4.51
CA ARG A 183 -8.00 6.13 3.69
C ARG A 183 -8.40 7.55 4.20
N MET A 184 -9.35 7.63 5.13
CA MET A 184 -9.69 8.92 5.71
C MET A 184 -8.61 9.36 6.68
N HIS A 185 -8.22 8.46 7.59
CA HIS A 185 -7.35 8.80 8.71
C HIS A 185 -6.09 7.96 8.82
N ASP A 186 -5.62 7.35 7.74
CA ASP A 186 -4.36 6.57 7.81
C ASP A 186 -3.24 7.45 8.42
N GLU A 187 -3.23 8.70 7.97
CA GLU A 187 -2.52 9.80 8.60
C GLU A 187 -2.40 9.67 10.14
N LYS A 188 -3.52 9.42 10.81
CA LYS A 188 -3.60 9.43 12.29
C LYS A 188 -2.99 8.21 12.96
N VAL A 189 -2.65 7.20 12.18
CA VAL A 189 -1.92 6.05 12.72
C VAL A 189 -0.62 6.48 13.39
N ASP A 190 0.01 7.53 12.88
CA ASP A 190 1.29 7.99 13.45
C ASP A 190 1.12 8.63 14.81
N LEU A 191 -0.11 8.98 15.16
CA LEU A 191 -0.34 9.55 16.47
C LEU A 191 -0.44 8.50 17.54
N TRP A 192 -0.94 7.32 17.20
CA TRP A 192 -1.00 6.23 18.16
C TRP A 192 0.41 5.92 18.57
N SER A 193 1.23 5.64 17.57
CA SER A 193 2.64 5.38 17.77
C SER A 193 3.30 6.36 18.74
N LEU A 194 3.17 7.66 18.52
CA LEU A 194 3.70 8.59 19.52
C LEU A 194 3.23 8.26 20.93
N GLY A 195 1.96 7.94 21.05
CA GLY A 195 1.38 7.70 22.35
C GLY A 195 2.03 6.51 23.01
N VAL A 196 2.05 5.40 22.28
CA VAL A 196 2.67 4.18 22.76
C VAL A 196 4.12 4.40 23.18
N LEU A 197 4.89 5.05 22.32
CA LEU A 197 6.30 5.23 22.56
C LEU A 197 6.53 6.10 23.77
N CYS A 198 5.81 7.21 23.83
CA CYS A 198 5.87 8.09 24.99
C CYS A 198 5.63 7.28 26.24
N TYR A 199 4.66 6.40 26.19
CA TYR A 199 4.35 5.58 27.33
C TYR A 199 5.52 4.67 27.65
N GLU A 200 6.11 4.06 26.63
CA GLU A 200 7.21 3.13 26.83
C GLU A 200 8.41 3.85 27.38
N PHE A 201 8.65 5.06 26.91
CA PHE A 201 9.77 5.84 27.44
C PHE A 201 9.67 6.09 28.94
N LEU A 202 8.50 6.47 29.43
CA LEU A 202 8.39 6.78 30.85
C LEU A 202 8.39 5.50 31.69
N VAL A 203 7.76 4.46 31.19
CA VAL A 203 7.48 3.30 32.01
C VAL A 203 8.46 2.16 31.78
N GLY A 204 9.01 2.08 30.58
CA GLY A 204 10.01 1.08 30.27
C GLY A 204 9.40 -0.19 29.73
N LYS A 205 8.15 -0.12 29.29
CA LYS A 205 7.50 -1.27 28.68
C LYS A 205 6.20 -0.77 28.05
N PRO A 206 5.81 -1.31 26.89
CA PRO A 206 4.65 -0.71 26.26
C PRO A 206 3.36 -0.98 27.03
N PRO A 207 2.35 -0.14 26.80
CA PRO A 207 1.06 -0.14 27.46
C PRO A 207 0.29 -1.43 27.41
N PHE A 208 0.52 -2.22 26.38
CA PHE A 208 -0.35 -3.31 26.05
C PHE A 208 0.43 -4.63 26.07
N GLU A 209 1.58 -4.65 26.73
CA GLU A 209 2.36 -5.90 26.89
C GLU A 209 1.50 -7.00 27.52
N ALA A 210 1.68 -8.23 27.07
CA ALA A 210 0.92 -9.36 27.63
C ALA A 210 1.63 -10.65 27.30
N ASN A 211 1.25 -11.72 27.97
CA ASN A 211 1.78 -13.05 27.66
C ASN A 211 1.60 -13.54 26.22
N THR A 212 0.46 -13.21 25.62
CA THR A 212 0.06 -13.80 24.34
C THR A 212 -0.18 -12.73 23.35
N TYR A 213 -0.05 -13.05 22.08
CA TYR A 213 -0.44 -12.12 21.07
C TYR A 213 -1.95 -11.87 21.15
N GLN A 214 -2.72 -12.87 21.52
CA GLN A 214 -4.16 -12.72 21.58
C GLN A 214 -4.60 -11.73 22.65
N GLU A 215 -3.97 -11.74 23.83
CA GLU A 215 -4.32 -10.77 24.90
C GLU A 215 -3.89 -9.37 24.54
N THR A 216 -2.64 -9.24 24.17
CA THR A 216 -2.14 -7.99 23.66
C THR A 216 -3.11 -7.45 22.65
N TYR A 217 -3.54 -8.30 21.73
CA TYR A 217 -4.55 -7.94 20.74
C TYR A 217 -5.88 -7.48 21.37
N LYS A 218 -6.42 -8.18 22.35
CA LYS A 218 -7.62 -7.70 23.01
C LYS A 218 -7.36 -6.39 23.74
N ARG A 219 -6.21 -6.31 24.41
CA ARG A 219 -5.89 -5.12 25.16
C ARG A 219 -5.87 -3.90 24.25
N ILE A 220 -5.17 -3.98 23.11
CA ILE A 220 -5.02 -2.85 22.22
C ILE A 220 -6.38 -2.52 21.71
N SER A 221 -7.09 -3.59 21.38
CA SER A 221 -8.40 -3.48 20.75
C SER A 221 -9.35 -2.70 21.65
N ARG A 222 -9.35 -3.02 22.94
CA ARG A 222 -10.11 -2.27 23.94
C ARG A 222 -9.35 -1.11 24.58
N VAL A 223 -8.17 -0.76 24.11
CA VAL A 223 -7.41 0.33 24.76
C VAL A 223 -7.33 0.12 26.29
N GLU A 224 -7.00 -1.08 26.72
CA GLU A 224 -6.79 -1.36 28.13
C GLU A 224 -5.33 -1.13 28.51
N PHE A 225 -5.12 0.00 29.18
CA PHE A 225 -3.86 0.30 29.83
C PHE A 225 -4.07 1.15 31.09
N THR A 226 -3.12 1.08 32.00
CA THR A 226 -3.15 1.91 33.16
C THR A 226 -1.74 2.45 33.41
N PHE A 227 -1.64 3.66 33.92
CA PHE A 227 -0.37 4.25 34.24
C PHE A 227 0.07 3.81 35.61
N PRO A 228 1.40 3.66 35.84
CA PRO A 228 1.87 3.53 37.24
C PRO A 228 1.91 4.88 37.90
N ASP A 229 2.11 4.87 39.21
CA ASP A 229 1.90 6.07 40.01
C ASP A 229 2.79 7.22 39.59
N PHE A 230 4.09 6.96 39.43
CA PHE A 230 5.04 8.04 39.16
C PHE A 230 4.84 8.81 37.84
N VAL A 231 3.84 8.44 37.04
CA VAL A 231 3.53 9.18 35.82
C VAL A 231 2.62 10.38 36.16
N THR A 232 3.09 11.58 35.82
CA THR A 232 2.48 12.86 36.17
C THR A 232 1.21 13.11 35.37
N GLU A 233 0.45 14.16 35.71
CA GLU A 233 -0.84 14.39 35.06
C GLU A 233 -0.65 14.80 33.61
N GLY A 234 0.35 15.64 33.37
CA GLY A 234 0.58 16.18 32.03
C GLY A 234 0.87 15.07 31.04
N ALA A 235 1.61 14.06 31.50
CA ALA A 235 1.89 12.91 30.68
C ALA A 235 0.63 12.09 30.46
N ARG A 236 -0.09 11.80 31.54
CA ARG A 236 -1.31 11.00 31.47
C ARG A 236 -2.21 11.64 30.48
N ASP A 237 -2.26 12.96 30.56
CA ASP A 237 -3.13 13.69 29.67
C ASP A 237 -2.74 13.42 28.23
N LEU A 238 -1.45 13.59 27.91
CA LEU A 238 -1.02 13.51 26.53
C LEU A 238 -1.21 12.09 25.95
N ILE A 239 -0.79 11.08 26.69
CA ILE A 239 -0.91 9.71 26.21
C ILE A 239 -2.37 9.32 26.04
N SER A 240 -3.18 9.63 27.05
CA SER A 240 -4.59 9.34 26.97
C SER A 240 -5.21 9.88 25.67
N ARG A 241 -4.73 11.03 25.22
CA ARG A 241 -5.32 11.71 24.09
C ARG A 241 -4.84 11.01 22.83
N LEU A 242 -3.62 10.49 22.88
CA LEU A 242 -2.98 9.87 21.71
C LEU A 242 -3.50 8.47 21.49
N LEU A 243 -3.71 7.74 22.56
CA LEU A 243 -4.25 6.37 22.46
C LEU A 243 -5.80 6.27 22.48
N LYS A 244 -6.44 6.92 21.53
CA LYS A 244 -7.91 6.89 21.42
C LYS A 244 -8.30 5.84 20.39
N HIS A 245 -9.30 5.04 20.70
CA HIS A 245 -9.65 3.96 19.81
C HIS A 245 -9.97 4.46 18.42
N ASN A 246 -10.74 5.56 18.34
CA ASN A 246 -11.28 5.99 17.04
C ASN A 246 -10.40 7.04 16.42
N PRO A 247 -9.67 6.67 15.35
CA PRO A 247 -8.55 7.47 14.83
C PRO A 247 -8.76 8.97 14.94
N SER A 248 -9.95 9.40 14.56
CA SER A 248 -10.32 10.81 14.50
C SER A 248 -10.16 11.60 15.79
N GLN A 249 -10.42 11.00 16.94
CA GLN A 249 -10.30 11.76 18.19
C GLN A 249 -8.85 12.06 18.62
N ARG A 250 -7.90 11.43 17.93
CA ARG A 250 -6.50 11.66 18.23
C ARG A 250 -6.17 13.08 17.76
N PRO A 251 -5.36 13.81 18.55
CA PRO A 251 -4.99 15.17 18.22
C PRO A 251 -4.23 15.26 16.91
N MET A 252 -3.64 16.41 16.64
CA MET A 252 -2.82 16.57 15.46
C MET A 252 -1.43 16.83 15.98
N LEU A 253 -0.45 16.75 15.09
CA LEU A 253 0.95 16.91 15.50
C LEU A 253 1.17 18.32 16.03
N ARG A 254 0.44 19.24 15.40
CA ARG A 254 0.42 20.64 15.79
C ARG A 254 0.03 20.75 17.27
N GLU A 255 -1.00 20.00 17.69
CA GLU A 255 -1.44 20.00 19.10
C GLU A 255 -0.46 19.25 20.02
N VAL A 256 0.31 18.30 19.49
CA VAL A 256 1.34 17.59 20.32
C VAL A 256 2.55 18.51 20.58
N LEU A 257 2.92 19.33 19.59
CA LEU A 257 3.98 20.32 19.77
C LEU A 257 3.56 21.38 20.80
N GLU A 258 2.34 21.87 20.65
CA GLU A 258 1.83 22.91 21.53
C GLU A 258 1.56 22.40 22.97
N HIS A 259 1.25 21.12 23.14
CA HIS A 259 0.84 20.57 24.45
C HIS A 259 1.68 21.07 25.63
N PRO A 260 1.02 21.36 26.77
CA PRO A 260 1.71 21.94 27.92
C PRO A 260 2.85 21.11 28.47
N TRP A 261 2.55 19.84 28.77
CA TRP A 261 3.54 18.91 29.31
C TRP A 261 4.80 18.83 28.43
N ILE A 262 4.62 18.87 27.11
CA ILE A 262 5.76 18.86 26.17
C ILE A 262 6.61 20.14 26.28
N THR A 263 6.00 21.28 25.99
CA THR A 263 6.73 22.55 26.02
C THR A 263 7.47 22.62 27.35
N ALA A 264 6.75 22.35 28.44
CA ALA A 264 7.37 22.36 29.79
C ALA A 264 8.68 21.56 29.98
N ASN A 265 8.83 20.39 29.34
CA ASN A 265 10.04 19.54 29.54
C ASN A 265 10.96 19.41 28.33
N SER A 266 10.48 19.85 27.16
CA SER A 266 11.28 19.76 25.94
C SER A 266 12.47 20.70 26.00
N SER A 267 13.67 20.17 25.80
CA SER A 267 14.89 20.97 25.77
C SER A 267 15.32 21.26 24.33
N SER B 6 13.82 -7.75 -9.48
CA SER B 6 14.74 -8.63 -10.26
C SER B 6 15.73 -7.74 -11.04
N SER B 7 15.33 -6.51 -11.38
CA SER B 7 16.26 -5.58 -12.07
C SER B 7 16.99 -4.55 -11.17
N TYR B 8 16.47 -4.37 -9.95
CA TYR B 8 17.06 -3.48 -8.96
C TYR B 8 17.26 -2.04 -9.43
N SER B 9 16.38 -1.56 -10.32
CA SER B 9 16.28 -0.11 -10.65
C SER B 9 15.23 0.60 -9.80
N TYR B 10 15.66 1.44 -8.87
CA TYR B 10 14.75 2.16 -8.01
C TYR B 10 14.82 3.58 -8.46
N ASP B 11 13.69 4.25 -8.50
CA ASP B 11 13.65 5.68 -8.71
C ASP B 11 14.25 6.32 -7.47
N ALA B 12 15.54 6.05 -7.25
CA ALA B 12 16.28 6.60 -6.12
C ALA B 12 17.72 6.95 -6.55
N PRO B 13 18.40 7.83 -5.83
CA PRO B 13 19.72 8.33 -6.31
C PRO B 13 20.81 7.27 -6.36
N SER B 14 21.47 7.17 -7.51
CA SER B 14 22.54 6.22 -7.72
C SER B 14 23.86 6.93 -7.98
N ASP B 15 23.85 8.25 -8.05
CA ASP B 15 25.04 9.01 -8.48
C ASP B 15 25.99 9.40 -7.34
N PHE B 16 27.30 9.33 -7.62
CA PHE B 16 28.35 9.78 -6.72
C PHE B 16 28.07 11.16 -6.17
N ILE B 17 28.39 11.37 -4.90
CA ILE B 17 28.17 12.66 -4.27
C ILE B 17 29.50 13.18 -3.80
N ASN B 18 29.77 14.43 -4.13
CA ASN B 18 30.86 15.12 -3.53
C ASN B 18 30.38 15.53 -2.14
N PHE B 19 30.90 14.90 -1.10
CA PHE B 19 30.38 15.14 0.26
C PHE B 19 30.93 16.40 0.90
N SER B 20 32.09 16.82 0.41
CA SER B 20 32.68 18.08 0.84
C SER B 20 31.83 19.31 0.41
N SER B 21 30.84 19.10 -0.47
CA SER B 21 30.01 20.18 -1.03
C SER B 21 28.61 20.30 -0.40
N LEU B 22 27.92 21.38 -0.75
CA LEU B 22 26.51 21.64 -0.41
C LEU B 22 25.76 20.44 0.21
N LYS C 4 15.06 -12.22 -25.36
CA LYS C 4 16.12 -11.22 -25.66
C LYS C 4 15.67 -10.10 -26.60
N ARG C 5 14.86 -10.40 -27.61
CA ARG C 5 14.33 -9.35 -28.49
C ARG C 5 13.21 -8.60 -27.74
N GLN C 6 13.11 -7.29 -27.96
CA GLN C 6 12.33 -6.41 -27.08
C GLN C 6 11.27 -5.62 -27.88
N TRP C 7 10.12 -5.36 -27.27
CA TRP C 7 9.04 -4.66 -27.97
C TRP C 7 9.51 -3.34 -28.57
N ALA C 8 8.99 -2.99 -29.75
CA ALA C 8 9.16 -1.63 -30.30
C ALA C 8 7.83 -1.12 -30.88
N LEU C 9 7.67 0.20 -31.00
CA LEU C 9 6.41 0.76 -31.52
C LEU C 9 6.08 0.26 -32.93
N GLU C 10 7.08 0.11 -33.79
CA GLU C 10 6.85 -0.33 -35.17
C GLU C 10 6.78 -1.87 -35.30
N ASP C 11 6.38 -2.55 -34.22
CA ASP C 11 5.98 -3.94 -34.27
C ASP C 11 4.47 -4.08 -34.38
N PHE C 12 3.75 -2.96 -34.44
CA PHE C 12 2.28 -2.95 -34.45
C PHE C 12 1.71 -2.03 -35.50
N GLU C 13 0.59 -2.44 -36.08
CA GLU C 13 -0.23 -1.58 -36.93
C GLU C 13 -1.24 -0.90 -36.00
N ILE C 14 -1.06 0.40 -35.76
CA ILE C 14 -1.98 1.16 -34.87
C ILE C 14 -3.31 1.43 -35.57
N GLY C 15 -4.39 0.82 -35.08
CA GLY C 15 -5.74 0.98 -35.63
C GLY C 15 -6.55 2.11 -34.99
N ARG C 16 -7.86 1.91 -34.93
CA ARG C 16 -8.79 2.92 -34.41
C ARG C 16 -8.80 2.94 -32.89
N PRO C 17 -9.19 4.08 -32.30
CA PRO C 17 -9.23 4.17 -30.85
C PRO C 17 -10.41 3.39 -30.24
N LEU C 18 -10.21 2.87 -29.03
CA LEU C 18 -11.27 2.20 -28.28
C LEU C 18 -11.72 3.02 -27.09
N GLY C 19 -10.96 4.05 -26.76
CA GLY C 19 -11.35 4.84 -25.63
C GLY C 19 -10.36 5.93 -25.30
N LYS C 20 -10.82 6.81 -24.43
CA LYS C 20 -10.01 7.92 -23.95
C LYS C 20 -9.16 7.42 -22.75
N GLY C 21 -9.62 7.62 -21.53
CA GLY C 21 -8.78 7.31 -20.39
C GLY C 21 -8.03 8.53 -19.90
N LYS C 22 -7.61 8.50 -18.64
CA LYS C 22 -7.08 9.69 -17.98
C LYS C 22 -5.73 10.17 -18.54
N PHE C 23 -4.75 9.29 -18.70
CA PHE C 23 -3.38 9.71 -19.07
C PHE C 23 -2.92 9.36 -20.51
N GLY C 24 -3.88 9.14 -21.39
CA GLY C 24 -3.59 8.69 -22.74
C GLY C 24 -4.72 7.82 -23.26
N ASN C 25 -4.45 7.07 -24.32
CA ASN C 25 -5.51 6.42 -25.05
C ASN C 25 -5.30 4.95 -25.28
N VAL C 26 -6.39 4.24 -25.55
CA VAL C 26 -6.35 2.84 -25.93
C VAL C 26 -6.72 2.65 -27.38
N TYR C 27 -5.82 2.03 -28.15
CA TYR C 27 -6.07 1.79 -29.57
C TYR C 27 -6.13 0.33 -29.87
N LEU C 28 -7.01 -0.05 -30.77
CA LEU C 28 -6.96 -1.37 -31.41
C LEU C 28 -5.65 -1.45 -32.18
N ALA C 29 -5.12 -2.63 -32.35
CA ALA C 29 -3.86 -2.79 -33.06
C ALA C 29 -3.56 -4.24 -33.33
N ARG C 30 -2.60 -4.45 -34.23
CA ARG C 30 -2.27 -5.78 -34.71
C ARG C 30 -0.75 -5.94 -34.66
N GLU C 31 -0.28 -7.07 -34.17
CA GLU C 31 1.16 -7.36 -34.15
C GLU C 31 1.62 -7.77 -35.55
N LYS C 32 2.35 -6.86 -36.20
CA LYS C 32 2.64 -6.93 -37.64
C LYS C 32 3.03 -8.32 -38.16
N GLN C 33 3.83 -9.07 -37.43
CA GLN C 33 4.28 -10.40 -37.85
C GLN C 33 3.19 -11.45 -37.75
N SER C 34 2.64 -11.62 -36.56
CA SER C 34 1.72 -12.71 -36.24
C SER C 34 0.28 -12.39 -36.56
N LYS C 35 -0.01 -11.12 -36.87
CA LYS C 35 -1.38 -10.66 -37.19
C LYS C 35 -2.34 -10.69 -35.99
N PHE C 36 -1.83 -10.89 -34.77
CA PHE C 36 -2.66 -11.04 -33.57
C PHE C 36 -3.34 -9.73 -33.20
N ILE C 37 -4.66 -9.78 -33.03
CA ILE C 37 -5.40 -8.59 -32.67
C ILE C 37 -5.28 -8.41 -31.16
N LEU C 38 -4.80 -7.23 -30.79
CA LEU C 38 -4.73 -6.89 -29.39
C LEU C 38 -5.16 -5.43 -29.20
N ALA C 39 -4.94 -4.93 -27.99
CA ALA C 39 -5.24 -3.55 -27.62
C ALA C 39 -4.02 -2.90 -27.01
N LEU C 40 -3.74 -1.68 -27.43
CA LEU C 40 -2.50 -1.00 -27.08
C LEU C 40 -2.85 0.26 -26.30
N LYS C 41 -2.44 0.31 -25.04
CA LYS C 41 -2.79 1.43 -24.19
C LYS C 41 -1.58 2.32 -24.15
N VAL C 42 -1.79 3.59 -24.50
CA VAL C 42 -0.70 4.53 -24.57
C VAL C 42 -0.89 5.57 -23.51
N LEU C 43 0.12 5.70 -22.66
CA LEU C 43 0.13 6.73 -21.62
C LEU C 43 1.27 7.67 -21.92
N PHE C 44 1.17 8.88 -21.41
CA PHE C 44 2.15 9.91 -21.68
C PHE C 44 2.93 10.21 -20.43
N LYS C 45 4.24 10.02 -20.50
CA LYS C 45 5.15 10.22 -19.35
C LYS C 45 5.00 11.56 -18.65
N ALA C 46 4.79 12.62 -19.43
CA ALA C 46 4.73 13.98 -18.88
C ALA C 46 3.47 14.24 -18.08
N GLN C 47 2.43 13.46 -18.33
CA GLN C 47 1.18 13.52 -17.56
C GLN C 47 1.24 12.66 -16.26
N LEU C 48 1.88 11.49 -16.35
CA LEU C 48 2.12 10.61 -15.21
C LEU C 48 3.06 11.28 -14.21
N GLU C 49 4.13 11.93 -14.69
CA GLU C 49 5.00 12.67 -13.78
C GLU C 49 4.29 13.89 -13.11
N LYS C 50 3.45 14.59 -13.85
CA LYS C 50 2.72 15.79 -13.34
C LYS C 50 1.71 15.47 -12.27
N ALA C 51 1.06 14.32 -12.42
CA ALA C 51 0.12 13.79 -11.46
C ALA C 51 0.82 12.97 -10.42
N GLY C 52 2.11 12.72 -10.59
CA GLY C 52 2.83 11.83 -9.71
C GLY C 52 2.16 10.47 -9.50
N VAL C 53 1.74 9.82 -10.59
CA VAL C 53 1.11 8.50 -10.48
C VAL C 53 1.89 7.34 -11.10
N GLU C 54 3.18 7.57 -11.34
CA GLU C 54 4.03 6.61 -11.99
C GLU C 54 4.15 5.32 -11.17
N HIS C 55 4.27 5.46 -9.86
CA HIS C 55 4.39 4.28 -9.02
C HIS C 55 3.09 3.50 -8.90
N GLN C 56 1.96 4.19 -9.02
CA GLN C 56 0.68 3.50 -9.13
C GLN C 56 0.58 2.80 -10.49
N LEU C 57 1.20 3.36 -11.51
CA LEU C 57 1.20 2.67 -12.79
C LEU C 57 2.09 1.42 -12.70
N ARG C 58 3.32 1.63 -12.25
CA ARG C 58 4.28 0.55 -12.11
C ARG C 58 3.64 -0.63 -11.40
N ARG C 59 3.06 -0.36 -10.23
CA ARG C 59 2.42 -1.42 -9.44
C ARG C 59 1.29 -2.11 -10.20
N GLU C 60 0.38 -1.35 -10.83
CA GLU C 60 -0.74 -1.99 -11.54
C GLU C 60 -0.27 -2.85 -12.72
N VAL C 61 0.83 -2.44 -13.36
CA VAL C 61 1.46 -3.22 -14.45
C VAL C 61 2.25 -4.44 -13.98
N GLU C 62 2.95 -4.29 -12.86
CA GLU C 62 3.67 -5.42 -12.27
C GLU C 62 2.67 -6.48 -11.86
N ILE C 63 1.64 -6.06 -11.15
CA ILE C 63 0.63 -7.01 -10.67
C ILE C 63 -0.13 -7.72 -11.82
N GLN C 64 -0.64 -6.97 -12.79
CA GLN C 64 -1.52 -7.56 -13.77
C GLN C 64 -0.80 -8.49 -14.68
N SER C 65 0.37 -8.08 -15.19
CA SER C 65 1.19 -8.89 -16.09
C SER C 65 1.64 -10.24 -15.54
N HIS C 66 1.46 -10.48 -14.24
CA HIS C 66 1.72 -11.80 -13.63
C HIS C 66 0.42 -12.45 -13.19
N LEU C 67 -0.54 -12.45 -14.08
CA LEU C 67 -1.86 -12.98 -13.80
C LEU C 67 -2.38 -13.61 -15.11
N ARG C 68 -2.46 -14.95 -15.15
CA ARG C 68 -2.99 -15.67 -16.31
C ARG C 68 -4.30 -16.28 -15.84
N HIS C 69 -5.43 -15.70 -16.23
CA HIS C 69 -6.70 -16.30 -15.88
C HIS C 69 -7.77 -15.88 -16.86
N PRO C 70 -8.59 -16.85 -17.32
CA PRO C 70 -9.61 -16.61 -18.38
C PRO C 70 -10.48 -15.40 -18.12
N ASN C 71 -10.82 -15.19 -16.86
CA ASN C 71 -11.63 -14.05 -16.43
C ASN C 71 -10.87 -12.79 -15.99
N ILE C 72 -9.58 -12.69 -16.29
CA ILE C 72 -8.75 -11.50 -16.01
C ILE C 72 -8.08 -10.99 -17.31
N LEU C 73 -8.14 -9.69 -17.58
CA LEU C 73 -7.54 -9.20 -18.82
C LEU C 73 -6.05 -9.46 -18.79
N ARG C 74 -5.54 -10.16 -19.82
CA ARG C 74 -4.11 -10.38 -19.96
C ARG C 74 -3.47 -9.08 -20.41
N LEU C 75 -2.41 -8.71 -19.69
CA LEU C 75 -1.47 -7.69 -20.11
C LEU C 75 -0.23 -8.48 -20.46
N TYR C 76 0.12 -8.48 -21.75
CA TYR C 76 1.19 -9.29 -22.28
C TYR C 76 2.56 -8.70 -22.07
N GLY C 77 2.65 -7.39 -22.03
CA GLY C 77 3.95 -6.75 -21.88
C GLY C 77 3.86 -5.26 -21.86
N TYR C 78 5.01 -4.60 -21.82
CA TYR C 78 5.06 -3.15 -21.89
C TYR C 78 6.39 -2.69 -22.51
N PHE C 79 6.43 -1.44 -22.95
CA PHE C 79 7.69 -0.81 -23.34
C PHE C 79 7.43 0.67 -23.33
N HIS C 80 8.43 1.46 -23.65
CA HIS C 80 8.33 2.89 -23.52
C HIS C 80 9.34 3.57 -24.38
N ASP C 81 8.92 4.64 -25.04
CA ASP C 81 9.83 5.45 -25.82
C ASP C 81 10.09 6.69 -24.99
N ALA C 82 10.70 7.71 -25.60
CA ALA C 82 11.09 8.90 -24.87
C ALA C 82 9.93 9.61 -24.16
N THR C 83 8.72 9.56 -24.76
CA THR C 83 7.57 10.33 -24.26
C THR C 83 6.29 9.57 -23.86
N ARG C 84 6.19 8.30 -24.25
CA ARG C 84 4.99 7.51 -24.08
C ARG C 84 5.29 6.19 -23.36
N VAL C 85 4.29 5.66 -22.66
CA VAL C 85 4.38 4.30 -22.17
C VAL C 85 3.27 3.51 -22.87
N TYR C 86 3.58 2.26 -23.20
CA TYR C 86 2.69 1.42 -23.97
C TYR C 86 2.43 0.12 -23.24
N LEU C 87 1.17 -0.30 -23.15
CA LEU C 87 0.79 -1.55 -22.46
C LEU C 87 0.08 -2.46 -23.43
N ILE C 88 0.55 -3.70 -23.55
CA ILE C 88 0.00 -4.57 -24.57
C ILE C 88 -1.02 -5.48 -23.91
N LEU C 89 -2.30 -5.22 -24.20
CA LEU C 89 -3.43 -5.84 -23.50
C LEU C 89 -4.22 -6.78 -24.40
N GLU C 90 -4.84 -7.78 -23.77
CA GLU C 90 -5.85 -8.57 -24.44
C GLU C 90 -6.96 -7.62 -24.86
N TYR C 91 -7.59 -7.91 -25.99
CA TYR C 91 -8.65 -7.07 -26.56
C TYR C 91 -10.02 -7.67 -26.24
N ALA C 92 -10.87 -6.86 -25.61
CA ALA C 92 -12.24 -7.21 -25.21
C ALA C 92 -13.31 -6.52 -26.12
N PRO C 93 -13.90 -7.25 -27.07
CA PRO C 93 -14.75 -6.57 -28.04
C PRO C 93 -16.04 -5.96 -27.48
N LEU C 94 -16.77 -6.72 -26.67
CA LEU C 94 -18.16 -6.38 -26.38
C LEU C 94 -18.36 -5.30 -25.29
N GLY C 95 -17.38 -4.41 -25.15
CA GLY C 95 -17.47 -3.29 -24.20
C GLY C 95 -17.46 -3.64 -22.72
N THR C 96 -18.08 -2.77 -21.92
CA THR C 96 -18.09 -2.92 -20.46
C THR C 96 -19.42 -3.40 -19.91
N VAL C 97 -19.38 -4.04 -18.76
CA VAL C 97 -20.60 -4.36 -18.01
C VAL C 97 -21.36 -3.11 -17.59
N TYR C 98 -20.69 -1.96 -17.55
CA TYR C 98 -21.40 -0.73 -17.32
C TYR C 98 -22.37 -0.43 -18.48
N ARG C 99 -21.91 -0.54 -19.72
CA ARG C 99 -22.79 -0.27 -20.85
C ARG C 99 -23.93 -1.24 -20.80
N GLU C 100 -23.63 -2.53 -20.65
CA GLU C 100 -24.66 -3.55 -20.67
C GLU C 100 -25.76 -3.24 -19.64
N LEU C 101 -25.35 -2.83 -18.45
CA LEU C 101 -26.30 -2.64 -17.37
C LEU C 101 -27.21 -1.43 -17.60
N GLN C 102 -26.67 -0.37 -18.18
CA GLN C 102 -27.49 0.75 -18.66
C GLN C 102 -28.52 0.32 -19.71
N LYS C 103 -28.08 -0.47 -20.70
CA LYS C 103 -28.94 -0.91 -21.81
C LYS C 103 -30.02 -1.92 -21.40
N LEU C 104 -29.79 -2.69 -20.34
CA LEU C 104 -30.82 -3.57 -19.84
C LEU C 104 -31.45 -3.06 -18.55
N SER C 105 -30.94 -1.99 -17.93
CA SER C 105 -31.54 -1.44 -16.69
C SER C 105 -31.15 -2.27 -15.43
N LYS C 106 -31.50 -3.56 -15.46
CA LYS C 106 -30.96 -4.57 -14.54
C LYS C 106 -30.81 -5.94 -15.25
N PHE C 107 -30.17 -6.87 -14.54
CA PHE C 107 -29.98 -8.23 -15.03
C PHE C 107 -30.88 -9.23 -14.34
N ASP C 108 -31.13 -10.32 -15.04
CA ASP C 108 -31.86 -11.44 -14.49
C ASP C 108 -30.99 -12.24 -13.52
N GLU C 109 -31.61 -13.12 -12.74
CA GLU C 109 -30.89 -14.04 -11.87
C GLU C 109 -29.82 -14.86 -12.63
N GLN C 110 -30.10 -15.24 -13.87
CA GLN C 110 -29.21 -16.17 -14.57
C GLN C 110 -27.90 -15.46 -14.94
N ARG C 111 -28.01 -14.26 -15.50
CA ARG C 111 -26.85 -13.44 -15.83
C ARG C 111 -25.98 -13.02 -14.62
N THR C 112 -26.63 -12.46 -13.60
CA THR C 112 -25.95 -12.13 -12.36
C THR C 112 -25.18 -13.30 -11.71
N ALA C 113 -25.82 -14.45 -11.54
CA ALA C 113 -25.16 -15.59 -10.89
C ALA C 113 -23.96 -16.01 -11.69
N THR C 114 -24.03 -15.83 -13.01
CA THR C 114 -22.98 -16.26 -13.93
C THR C 114 -21.76 -15.34 -13.86
N TYR C 115 -22.04 -14.04 -13.98
CA TYR C 115 -21.08 -13.00 -13.70
C TYR C 115 -20.42 -13.10 -12.29
N ILE C 116 -21.21 -13.33 -11.25
CA ILE C 116 -20.64 -13.50 -9.91
C ILE C 116 -19.77 -14.74 -9.83
N THR C 117 -20.08 -15.77 -10.62
CA THR C 117 -19.24 -16.97 -10.59
C THR C 117 -17.88 -16.65 -11.20
N GLU C 118 -17.85 -15.98 -12.36
CA GLU C 118 -16.58 -15.52 -12.99
C GLU C 118 -15.75 -14.55 -12.16
N LEU C 119 -16.40 -13.64 -11.43
CA LEU C 119 -15.70 -12.79 -10.49
C LEU C 119 -15.10 -13.57 -9.35
N ALA C 120 -15.87 -14.47 -8.76
CA ALA C 120 -15.38 -15.31 -7.64
C ALA C 120 -14.19 -16.21 -8.03
N ASN C 121 -14.22 -16.76 -9.23
CA ASN C 121 -13.11 -17.59 -9.72
C ASN C 121 -11.84 -16.77 -9.97
N ALA C 122 -11.99 -15.65 -10.68
CA ALA C 122 -10.89 -14.72 -10.90
C ALA C 122 -10.33 -14.22 -9.58
N LEU C 123 -11.20 -14.01 -8.60
CA LEU C 123 -10.78 -13.49 -7.29
C LEU C 123 -10.06 -14.52 -6.47
N SER C 124 -10.53 -15.77 -6.54
CA SER C 124 -9.82 -16.89 -5.89
C SER C 124 -8.41 -16.94 -6.43
N TYR C 125 -8.27 -16.95 -7.74
CA TYR C 125 -6.96 -17.03 -8.37
C TYR C 125 -6.09 -15.90 -7.82
N CYS C 126 -6.60 -14.68 -7.90
CA CYS C 126 -5.88 -13.53 -7.40
C CYS C 126 -5.31 -13.73 -6.00
N HIS C 127 -6.12 -14.30 -5.11
CA HIS C 127 -5.74 -14.44 -3.71
C HIS C 127 -4.70 -15.54 -3.57
N SER C 128 -4.89 -16.60 -4.34
CA SER C 128 -3.93 -17.68 -4.44
C SER C 128 -2.55 -17.17 -4.87
N LYS C 129 -2.48 -15.89 -5.27
CA LYS C 129 -1.22 -15.24 -5.62
C LYS C 129 -0.94 -14.07 -4.71
N ARG C 130 -1.59 -14.09 -3.56
CA ARG C 130 -1.39 -13.10 -2.52
C ARG C 130 -1.70 -11.69 -3.07
N VAL C 131 -2.71 -11.60 -3.94
CA VAL C 131 -3.10 -10.35 -4.55
C VAL C 131 -4.53 -10.08 -4.18
N ILE C 132 -4.77 -8.89 -3.62
CA ILE C 132 -6.09 -8.43 -3.18
C ILE C 132 -6.50 -7.33 -4.15
N HIS C 133 -7.65 -7.50 -4.80
CA HIS C 133 -8.07 -6.57 -5.83
C HIS C 133 -8.57 -5.25 -5.27
N ARG C 134 -9.34 -5.34 -4.20
CA ARG C 134 -10.00 -4.19 -3.57
C ARG C 134 -11.16 -3.67 -4.43
N ASP C 135 -10.96 -2.57 -5.17
CA ASP C 135 -12.09 -1.82 -5.72
C ASP C 135 -12.45 -2.33 -7.11
N ILE C 136 -13.67 -2.85 -7.26
CA ILE C 136 -14.23 -3.22 -8.57
C ILE C 136 -15.54 -2.51 -8.87
N LYS C 137 -15.51 -1.65 -9.87
CA LYS C 137 -16.73 -1.10 -10.44
C LYS C 137 -17.11 -1.91 -11.70
N PRO C 138 -18.38 -1.88 -12.09
CA PRO C 138 -18.71 -2.42 -13.38
C PRO C 138 -17.98 -1.76 -14.55
N GLU C 139 -17.60 -0.48 -14.41
CA GLU C 139 -16.80 0.18 -15.47
C GLU C 139 -15.49 -0.56 -15.73
N ASN C 140 -14.98 -1.27 -14.72
CA ASN C 140 -13.71 -2.00 -14.85
C ASN C 140 -13.91 -3.43 -15.30
N LEU C 141 -15.13 -3.80 -15.64
CA LEU C 141 -15.45 -5.17 -15.99
C LEU C 141 -15.76 -5.20 -17.46
N LEU C 142 -14.82 -5.67 -18.27
CA LEU C 142 -15.02 -5.75 -19.73
C LEU C 142 -15.58 -7.11 -20.11
N LEU C 143 -16.08 -7.21 -21.34
CA LEU C 143 -16.59 -8.47 -21.84
C LEU C 143 -15.81 -8.95 -23.07
N GLY C 144 -15.25 -10.16 -22.97
CA GLY C 144 -14.67 -10.88 -24.10
C GLY C 144 -15.72 -11.27 -25.13
N SER C 145 -15.28 -11.89 -26.23
CA SER C 145 -16.14 -12.10 -27.42
C SER C 145 -17.23 -13.19 -27.30
N ALA C 146 -17.18 -13.99 -26.22
CA ALA C 146 -18.30 -14.85 -25.82
C ALA C 146 -19.13 -14.19 -24.72
N GLY C 147 -18.95 -12.89 -24.52
CA GLY C 147 -19.50 -12.20 -23.34
C GLY C 147 -19.00 -12.72 -22.00
N GLU C 148 -17.92 -13.51 -22.01
CA GLU C 148 -17.27 -13.97 -20.77
C GLU C 148 -16.58 -12.77 -20.10
N LEU C 149 -16.64 -12.73 -18.78
CA LEU C 149 -16.30 -11.52 -18.00
C LEU C 149 -14.80 -11.40 -17.71
N LYS C 150 -14.26 -10.17 -17.85
CA LYS C 150 -12.80 -9.86 -17.76
C LYS C 150 -12.43 -8.70 -16.80
N ILE C 151 -11.95 -9.00 -15.59
CA ILE C 151 -11.44 -7.97 -14.68
C ILE C 151 -10.28 -7.19 -15.34
N ALA C 152 -10.42 -5.86 -15.43
CA ALA C 152 -9.54 -5.00 -16.27
C ALA C 152 -8.73 -3.91 -15.55
N ASP C 153 -9.15 -3.46 -14.38
CA ASP C 153 -8.46 -2.39 -13.64
C ASP C 153 -7.82 -2.94 -12.38
N PHE C 154 -6.67 -2.39 -11.99
CA PHE C 154 -5.92 -2.92 -10.85
C PHE C 154 -5.24 -1.82 -10.05
N GLY C 155 -5.76 -0.60 -10.18
CA GLY C 155 -5.13 0.58 -9.61
C GLY C 155 -5.05 0.55 -8.11
N TRP C 156 -6.06 -0.04 -7.48
CA TRP C 156 -6.13 -0.16 -6.02
C TRP C 156 -5.63 -1.51 -5.44
N SER C 157 -5.28 -2.44 -6.32
CA SER C 157 -4.79 -3.76 -5.92
C SER C 157 -3.45 -3.69 -5.21
N VAL C 158 -3.24 -4.58 -4.25
CA VAL C 158 -1.95 -4.67 -3.52
C VAL C 158 -1.46 -6.10 -3.45
N HIS C 159 -0.16 -6.30 -3.28
CA HIS C 159 0.37 -7.64 -3.10
C HIS C 159 0.47 -7.89 -1.60
N ALA C 160 0.04 -9.07 -1.16
CA ALA C 160 -0.10 -9.36 0.26
C ALA C 160 1.17 -10.01 0.83
N PRO C 161 1.55 -9.66 2.07
CA PRO C 161 2.70 -10.29 2.72
C PRO C 161 2.58 -11.82 2.80
N LEU C 168 4.88 -10.40 9.55
CA LEU C 168 3.58 -9.76 9.80
C LEU C 168 3.61 -9.03 11.16
N CYS C 169 4.03 -9.74 12.20
CA CYS C 169 4.05 -9.21 13.58
C CYS C 169 5.30 -9.63 14.39
N GLY C 170 5.13 -9.83 15.71
CA GLY C 170 6.23 -9.69 16.68
C GLY C 170 6.37 -8.23 17.06
N THR C 171 5.43 -7.43 16.56
CA THR C 171 5.48 -5.97 16.58
C THR C 171 4.11 -5.35 16.88
N LEU C 172 3.16 -6.15 17.34
CA LEU C 172 1.82 -5.62 17.56
C LEU C 172 1.76 -4.66 18.72
N ASP C 173 2.62 -4.82 19.71
CA ASP C 173 2.59 -3.87 20.81
C ASP C 173 2.48 -2.44 20.33
N TYR C 174 3.03 -2.17 19.14
CA TYR C 174 3.09 -0.82 18.60
C TYR C 174 2.06 -0.49 17.52
N LEU C 175 1.21 -1.44 17.17
CA LEU C 175 0.22 -1.25 16.11
C LEU C 175 -1.09 -0.72 16.62
N PRO C 176 -1.71 0.26 15.91
CA PRO C 176 -3.05 0.70 16.33
C PRO C 176 -4.13 -0.34 16.06
N PRO C 177 -5.31 -0.21 16.67
CA PRO C 177 -6.38 -1.17 16.37
C PRO C 177 -6.76 -1.23 14.90
N GLU C 178 -6.80 -0.08 14.23
CA GLU C 178 -7.23 -0.04 12.82
C GLU C 178 -6.23 -0.69 11.84
N MET C 179 -4.96 -0.87 12.20
CA MET C 179 -4.00 -1.59 11.35
C MET C 179 -4.01 -3.06 11.74
N ILE C 180 -4.02 -3.32 13.03
CA ILE C 180 -4.33 -4.62 13.59
C ILE C 180 -5.53 -5.28 12.87
N GLU C 181 -6.70 -4.65 12.98
CA GLU C 181 -7.95 -5.14 12.34
C GLU C 181 -8.09 -4.54 10.94
N GLY C 182 -9.06 -5.01 10.16
CA GLY C 182 -9.16 -4.59 8.76
C GLY C 182 -8.01 -5.16 7.92
N ARG C 183 -6.78 -5.02 8.43
CA ARG C 183 -5.63 -5.76 7.94
C ARG C 183 -5.46 -7.07 8.72
N MET C 184 -4.91 -8.07 8.05
CA MET C 184 -5.04 -9.48 8.45
C MET C 184 -6.51 -9.97 8.52
N HIS C 185 -7.41 -9.18 7.92
CA HIS C 185 -8.67 -9.67 7.33
C HIS C 185 -8.81 -8.97 5.99
N ASP C 186 -7.72 -9.02 5.24
CA ASP C 186 -7.58 -8.32 3.99
C ASP C 186 -8.28 -9.00 2.80
N GLU C 187 -8.34 -10.34 2.74
CA GLU C 187 -9.15 -11.03 1.70
C GLU C 187 -10.59 -10.48 1.66
N LYS C 188 -11.19 -10.34 2.84
CA LYS C 188 -12.63 -10.11 2.93
C LYS C 188 -13.07 -8.75 2.37
N VAL C 189 -12.11 -7.91 2.01
CA VAL C 189 -12.44 -6.69 1.28
C VAL C 189 -13.03 -7.03 -0.10
N ASP C 190 -12.51 -8.07 -0.75
CA ASP C 190 -13.01 -8.46 -2.08
C ASP C 190 -14.38 -9.11 -2.04
N LEU C 191 -14.79 -9.57 -0.86
CA LEU C 191 -16.11 -10.15 -0.70
C LEU C 191 -17.16 -9.11 -0.61
N TRP C 192 -16.84 -7.97 -0.02
CA TRP C 192 -17.76 -6.85 0.02
C TRP C 192 -18.11 -6.41 -1.37
N SER C 193 -17.07 -6.11 -2.14
CA SER C 193 -17.21 -5.75 -3.55
C SER C 193 -18.17 -6.66 -4.33
N LEU C 194 -18.08 -7.96 -4.09
CA LEU C 194 -18.94 -8.93 -4.77
C LEU C 194 -20.41 -8.72 -4.37
N GLY C 195 -20.65 -8.44 -3.09
CA GLY C 195 -22.00 -8.22 -2.61
C GLY C 195 -22.63 -7.01 -3.28
N VAL C 196 -21.84 -5.96 -3.41
CA VAL C 196 -22.30 -4.74 -4.05
C VAL C 196 -22.58 -4.92 -5.55
N LEU C 197 -21.75 -5.73 -6.22
CA LEU C 197 -21.96 -6.02 -7.62
C LEU C 197 -23.19 -6.87 -7.83
N CYS C 198 -23.43 -7.80 -6.90
CA CYS C 198 -24.55 -8.69 -7.01
C CYS C 198 -25.83 -7.90 -6.87
N TYR C 199 -25.88 -7.08 -5.83
CA TYR C 199 -27.00 -6.21 -5.62
C TYR C 199 -27.22 -5.37 -6.88
N GLU C 200 -26.16 -4.73 -7.36
CA GLU C 200 -26.26 -3.82 -8.49
C GLU C 200 -26.74 -4.46 -9.79
N PHE C 201 -26.20 -5.63 -10.12
CA PHE C 201 -26.66 -6.34 -11.29
C PHE C 201 -28.15 -6.63 -11.21
N LEU C 202 -28.63 -7.05 -10.06
CA LEU C 202 -30.05 -7.46 -9.91
C LEU C 202 -31.03 -6.31 -9.79
N VAL C 203 -30.59 -5.18 -9.27
CA VAL C 203 -31.48 -4.11 -8.86
C VAL C 203 -31.33 -2.89 -9.75
N GLY C 204 -30.14 -2.71 -10.31
CA GLY C 204 -29.89 -1.66 -11.30
C GLY C 204 -28.92 -0.62 -10.82
N LYS C 205 -28.77 -0.50 -9.50
CA LYS C 205 -27.90 0.50 -8.88
C LYS C 205 -27.42 0.00 -7.53
N PRO C 206 -26.26 0.47 -7.04
CA PRO C 206 -25.72 -0.07 -5.79
C PRO C 206 -26.53 0.23 -4.55
N PRO C 207 -26.39 -0.63 -3.53
CA PRO C 207 -27.33 -0.55 -2.40
C PRO C 207 -27.20 0.69 -1.53
N PHE C 208 -26.08 1.41 -1.62
CA PHE C 208 -25.84 2.58 -0.76
C PHE C 208 -25.81 3.91 -1.53
N GLU C 209 -26.35 3.90 -2.75
CA GLU C 209 -26.50 5.12 -3.52
C GLU C 209 -27.40 6.12 -2.81
N ALA C 210 -27.03 7.39 -2.87
CA ALA C 210 -27.83 8.45 -2.30
C ALA C 210 -27.43 9.83 -2.89
N ASN C 211 -28.27 10.83 -2.63
CA ASN C 211 -28.08 12.22 -3.07
C ASN C 211 -26.68 12.79 -2.85
N THR C 212 -26.16 12.52 -1.66
CA THR C 212 -24.96 13.16 -1.18
C THR C 212 -23.95 12.06 -0.91
N TYR C 213 -22.66 12.38 -0.99
CA TYR C 213 -21.62 11.41 -0.64
C TYR C 213 -21.74 11.08 0.84
N GLN C 214 -22.28 12.04 1.59
CA GLN C 214 -22.35 12.00 3.04
C GLN C 214 -23.49 11.09 3.48
N GLU C 215 -24.67 11.26 2.91
CA GLU C 215 -25.69 10.23 3.01
C GLU C 215 -25.05 8.89 2.69
N THR C 216 -24.42 8.75 1.52
CA THR C 216 -23.90 7.45 1.08
C THR C 216 -22.93 6.86 2.11
N TYR C 217 -21.76 7.46 2.27
CA TYR C 217 -20.77 7.05 3.28
C TYR C 217 -21.39 6.54 4.59
N LYS C 218 -22.17 7.40 5.24
CA LYS C 218 -22.93 7.08 6.44
C LYS C 218 -23.68 5.74 6.32
N ARG C 219 -24.36 5.52 5.20
CA ARG C 219 -25.11 4.29 4.94
C ARG C 219 -24.18 3.11 4.89
N ILE C 220 -23.04 3.30 4.24
CA ILE C 220 -22.06 2.24 4.18
C ILE C 220 -21.63 1.77 5.58
N SER C 221 -21.37 2.70 6.51
CA SER C 221 -20.92 2.33 7.86
C SER C 221 -22.04 1.71 8.67
N ARG C 222 -23.21 2.33 8.64
CA ARG C 222 -24.38 1.78 9.34
C ARG C 222 -24.87 0.46 8.71
N VAL C 223 -24.32 0.16 7.53
CA VAL C 223 -24.81 -0.88 6.64
C VAL C 223 -26.33 -0.89 6.52
N GLU C 224 -26.87 0.27 6.17
CA GLU C 224 -28.30 0.44 5.95
C GLU C 224 -28.67 0.35 4.45
N PHE C 225 -29.31 -0.76 4.07
CA PHE C 225 -29.89 -0.85 2.74
C PHE C 225 -31.23 -1.59 2.70
N THR C 226 -31.91 -1.55 1.56
CA THR C 226 -33.17 -2.25 1.43
C THR C 226 -33.18 -3.01 0.14
N PHE C 227 -34.06 -4.00 0.11
CA PHE C 227 -34.21 -4.88 -1.02
C PHE C 227 -35.56 -4.60 -1.65
N PRO C 228 -35.55 -4.29 -2.94
CA PRO C 228 -36.82 -4.20 -3.66
C PRO C 228 -37.53 -5.54 -3.61
N ASP C 229 -38.86 -5.53 -3.70
CA ASP C 229 -39.68 -6.72 -3.50
C ASP C 229 -39.41 -7.89 -4.45
N PHE C 230 -38.86 -7.59 -5.63
CA PHE C 230 -38.59 -8.63 -6.63
C PHE C 230 -37.26 -9.40 -6.42
N VAL C 231 -36.47 -8.99 -5.42
CA VAL C 231 -35.22 -9.67 -5.14
C VAL C 231 -35.53 -10.94 -4.36
N THR C 232 -35.20 -12.10 -4.92
CA THR C 232 -35.61 -13.37 -4.31
C THR C 232 -34.87 -13.67 -3.00
N GLU C 233 -35.62 -14.25 -2.06
CA GLU C 233 -35.12 -14.68 -0.75
C GLU C 233 -33.66 -15.18 -0.77
N GLY C 234 -33.32 -15.97 -1.79
CA GLY C 234 -32.02 -16.61 -1.89
C GLY C 234 -30.92 -15.68 -2.33
N ALA C 235 -31.27 -14.64 -3.08
CA ALA C 235 -30.28 -13.65 -3.51
C ALA C 235 -29.98 -12.77 -2.33
N ARG C 236 -31.00 -12.60 -1.50
CA ARG C 236 -30.92 -11.73 -0.35
C ARG C 236 -30.00 -12.40 0.60
N ASP C 237 -30.19 -13.70 0.76
CA ASP C 237 -29.39 -14.47 1.70
C ASP C 237 -27.93 -14.17 1.39
N LEU C 238 -27.53 -14.47 0.14
CA LEU C 238 -26.17 -14.27 -0.37
C LEU C 238 -25.68 -12.86 -0.18
N ILE C 239 -26.45 -11.92 -0.70
CA ILE C 239 -26.05 -10.52 -0.63
C ILE C 239 -25.83 -10.10 0.79
N SER C 240 -26.63 -10.62 1.72
CA SER C 240 -26.57 -10.21 3.13
C SER C 240 -25.37 -10.72 3.90
N ARG C 241 -24.90 -11.92 3.56
CA ARG C 241 -23.68 -12.46 4.18
C ARG C 241 -22.43 -11.70 3.67
N LEU C 242 -22.50 -11.22 2.43
CA LEU C 242 -21.36 -10.54 1.84
C LEU C 242 -21.21 -9.12 2.34
N LEU C 243 -22.33 -8.45 2.60
CA LEU C 243 -22.34 -7.09 3.10
C LEU C 243 -22.47 -7.10 4.64
N LYS C 244 -21.40 -7.58 5.27
CA LYS C 244 -21.33 -7.67 6.71
C LYS C 244 -20.38 -6.63 7.18
N HIS C 245 -20.73 -5.96 8.27
CA HIS C 245 -19.88 -4.90 8.74
C HIS C 245 -18.50 -5.45 9.02
N ASN C 246 -18.43 -6.44 9.91
CA ASN C 246 -17.18 -7.05 10.33
C ASN C 246 -16.68 -8.01 9.24
N PRO C 247 -15.51 -7.71 8.66
CA PRO C 247 -15.00 -8.62 7.64
C PRO C 247 -14.95 -10.08 8.05
N SER C 248 -14.72 -10.40 9.32
CA SER C 248 -14.68 -11.81 9.78
C SER C 248 -15.92 -12.61 9.38
N GLN C 249 -17.09 -11.98 9.44
CA GLN C 249 -18.37 -12.70 9.28
C GLN C 249 -18.76 -12.90 7.83
N ARG C 250 -18.03 -12.28 6.90
CA ARG C 250 -18.26 -12.53 5.47
C ARG C 250 -17.78 -13.93 5.15
N PRO C 251 -18.41 -14.60 4.18
CA PRO C 251 -17.99 -15.94 3.81
C PRO C 251 -16.65 -15.94 3.05
N MET C 252 -16.24 -17.13 2.59
CA MET C 252 -15.08 -17.28 1.74
C MET C 252 -15.63 -17.45 0.35
N LEU C 253 -14.81 -17.18 -0.66
CA LEU C 253 -15.18 -17.36 -2.08
C LEU C 253 -15.60 -18.78 -2.54
N ARG C 254 -15.29 -19.78 -1.74
CA ARG C 254 -15.74 -21.13 -1.97
C ARG C 254 -17.24 -21.22 -1.59
N GLU C 255 -17.60 -20.69 -0.42
CA GLU C 255 -18.99 -20.66 0.04
C GLU C 255 -19.88 -19.89 -0.94
N VAL C 256 -19.30 -18.94 -1.67
CA VAL C 256 -20.06 -18.18 -2.69
C VAL C 256 -20.28 -19.03 -3.94
N LEU C 257 -19.22 -19.70 -4.38
CA LEU C 257 -19.32 -20.57 -5.55
C LEU C 257 -20.25 -21.75 -5.29
N GLU C 258 -20.29 -22.24 -4.05
CA GLU C 258 -21.19 -23.35 -3.71
C GLU C 258 -22.64 -22.90 -3.37
N HIS C 259 -22.84 -21.63 -3.03
CA HIS C 259 -24.13 -21.14 -2.54
C HIS C 259 -25.26 -21.51 -3.50
N PRO C 260 -26.34 -22.08 -2.99
CA PRO C 260 -27.34 -22.70 -3.85
C PRO C 260 -27.97 -21.78 -4.89
N TRP C 261 -28.15 -20.51 -4.55
CA TRP C 261 -28.69 -19.55 -5.49
C TRP C 261 -27.81 -19.39 -6.74
N ILE C 262 -26.48 -19.45 -6.56
CA ILE C 262 -25.53 -19.33 -7.66
C ILE C 262 -25.68 -20.52 -8.62
N THR C 263 -25.55 -21.72 -8.04
CA THR C 263 -25.61 -22.98 -8.78
C THR C 263 -26.98 -23.19 -9.40
N ALA C 264 -28.00 -22.62 -8.78
CA ALA C 264 -29.37 -22.64 -9.30
C ALA C 264 -29.57 -21.78 -10.54
N ASN C 265 -28.70 -20.81 -10.78
CA ASN C 265 -28.98 -19.83 -11.84
C ASN C 265 -27.87 -19.57 -12.84
N SER C 266 -26.64 -19.94 -12.51
CA SER C 266 -25.50 -19.72 -13.41
C SER C 266 -25.67 -20.49 -14.73
N SER C 267 -25.50 -19.80 -15.85
CA SER C 267 -25.61 -20.46 -17.17
C SER C 267 -24.51 -21.49 -17.33
N LYS C 268 -23.49 -21.42 -16.48
CA LYS C 268 -22.32 -22.29 -16.57
C LYS C 268 -21.49 -22.15 -15.29
N PRO C 269 -20.83 -23.24 -14.86
CA PRO C 269 -19.89 -23.14 -13.74
C PRO C 269 -18.62 -22.38 -14.14
N VAL D 4 16.07 13.58 -10.52
CA VAL D 4 15.60 12.21 -10.86
C VAL D 4 14.18 12.25 -11.44
N LYS D 5 14.07 11.93 -12.72
CA LYS D 5 12.79 11.48 -13.29
C LYS D 5 12.73 9.94 -13.14
N SER D 6 11.67 9.32 -13.66
CA SER D 6 11.54 7.87 -13.50
C SER D 6 12.20 7.17 -14.67
N SER D 7 12.78 6.02 -14.40
CA SER D 7 13.45 5.22 -15.41
C SER D 7 12.44 4.40 -16.18
N TYR D 8 11.27 4.17 -15.56
CA TYR D 8 10.23 3.33 -16.10
C TYR D 8 10.66 1.86 -16.24
N SER D 9 11.51 1.42 -15.33
CA SER D 9 11.91 0.04 -15.29
C SER D 9 10.91 -0.65 -14.38
N TYR D 10 10.19 -1.62 -14.91
CA TYR D 10 9.25 -2.40 -14.12
C TYR D 10 9.75 -3.82 -14.12
N ASP D 11 9.33 -4.56 -13.10
CA ASP D 11 9.55 -5.98 -13.05
C ASP D 11 8.33 -6.57 -13.72
N ALA D 12 8.34 -6.45 -15.05
CA ALA D 12 7.24 -6.87 -15.92
C ALA D 12 7.76 -7.17 -17.34
N PRO D 13 7.15 -8.16 -18.02
CA PRO D 13 7.71 -8.59 -19.28
C PRO D 13 7.77 -7.45 -20.28
N SER D 14 8.87 -7.42 -21.03
CA SER D 14 9.11 -6.46 -22.10
C SER D 14 9.66 -7.16 -23.35
N ASP D 15 9.66 -8.49 -23.33
CA ASP D 15 10.24 -9.30 -24.41
C ASP D 15 9.24 -9.44 -25.55
N PHE D 16 9.72 -9.40 -26.79
CA PHE D 16 8.89 -9.77 -27.93
C PHE D 16 8.38 -11.20 -27.81
N ILE D 17 7.10 -11.41 -28.08
CA ILE D 17 6.46 -12.73 -27.96
C ILE D 17 5.98 -13.18 -29.35
N ASN D 18 6.19 -14.45 -29.67
CA ASN D 18 5.55 -15.06 -30.82
C ASN D 18 4.11 -15.29 -30.43
N PHE D 19 3.17 -14.88 -31.28
CA PHE D 19 1.78 -15.24 -31.04
C PHE D 19 1.42 -16.50 -31.83
N SER D 20 1.31 -17.62 -31.11
CA SER D 20 0.94 -18.96 -31.61
C SER D 20 1.98 -20.01 -31.23
#